data_1W0Y
#
_entry.id   1W0Y
#
_cell.length_a   71.338
_cell.length_b   82.378
_cell.length_c   123.963
_cell.angle_alpha   90.00
_cell.angle_beta   90.00
_cell.angle_gamma   90.00
#
_symmetry.space_group_name_H-M   'P 21 21 21'
#
loop_
_entity.id
_entity.type
_entity.pdbx_description
1 polymer 'BLOOD COAGULATION FACTOR VIIA'
2 polymer 'BLOOD COAGULATION FACTOR VIIA'
3 polymer 'TISSUE FACTOR'
4 non-polymer 4-(4-BENZYLOXY-2-METHANESULFONYLAMINO-5-METHOXY-BENZYLAMINO)-BENZAMIDINE
5 non-polymer 'CALCIUM ION'
6 non-polymer 'CACODYLATE ION'
7 non-polymer alpha-L-fucopyranose
8 non-polymer beta-D-glucopyranose
9 water water
#
loop_
_entity_poly.entity_id
_entity_poly.type
_entity_poly.pdbx_seq_one_letter_code
_entity_poly.pdbx_strand_id
1 'polypeptide(L)'
;IVGGKVCPKGECPWQVLLLVNGAQLCGGTLINTIWVVSAAHCFDKIKNWRNLIAVLGEHDLSEHDGDEQSRRVAQVIIPS
TYVPGTTNHDIALLRLHQPVVLTDHVVPLCLPERTFSERTLAFVRFSLVSGWGQLLDRGATALELMVLNVPRLMTQDCLQ
QSRKVGDSPNITEYMFCAGYSDGSKDSCKGDSGGPHATHYRGTWYLTGIVSWGQGCATVGHFGVYTRVSQYIEWLQKLMR
SEPRPGVLLRAPFP
;
H
2 'polypeptide(L)'
;ANAFL(CGU)(CGU)LRPGSL(CGU)R(CGU)CK(CGU)(CGU)QCSF(CGU)(CGU)AR(CGU)IFKDAERTKLFWISY
SDGDQCASSPCQNGGSCKDQLQSYICFCLPAFEGRNCETHKDDQLICVNENGGCEQYCSDHTGTKRSCRCHEGYSLLADG
VSCTPTVEYPCGKIPILE
;
L
3 'polypeptide(L)'
;SGTTNTVAAYNLTWKSTNFKTILEWEPKPVNQVYTVQISTKSGDWKSKCFYTTDTECDLTDEIVKDVKQTYLARVFSYPA
GNVESTGSAGEPLYENSPEFTPYLETNLGQPTIQSFEQVGTKVNVTVEDERTLVRRNNTFLSLRDVFGKDLIYTLYYWKS
SSSGKKTAKTNTNEFLIDVDKGENYCFSVQAVIPSRTVNRKSTDSPVECM
;
T
#
# COMPACT_ATOMS: atom_id res chain seq x y z
N ILE A 1 18.76 -18.71 -6.09
CA ILE A 1 18.20 -17.38 -6.40
C ILE A 1 18.43 -16.94 -7.83
N VAL A 2 17.32 -16.67 -8.50
CA VAL A 2 17.31 -16.21 -9.89
C VAL A 2 17.06 -14.71 -9.92
N GLY A 3 17.98 -13.97 -10.52
CA GLY A 3 17.77 -12.54 -10.62
C GLY A 3 18.16 -11.69 -9.44
N GLY A 4 18.87 -12.27 -8.48
CA GLY A 4 19.28 -11.50 -7.32
C GLY A 4 20.72 -11.05 -7.39
N LYS A 5 21.32 -10.83 -6.23
CA LYS A 5 22.71 -10.41 -6.16
C LYS A 5 23.40 -11.05 -4.96
N VAL A 6 24.74 -10.99 -4.92
CA VAL A 6 25.46 -11.53 -3.78
C VAL A 6 25.10 -10.77 -2.50
N CYS A 7 24.79 -11.46 -1.42
CA CYS A 7 24.50 -10.77 -0.17
C CYS A 7 25.91 -10.43 0.36
N PRO A 8 26.18 -9.14 0.63
CA PRO A 8 27.52 -8.81 1.13
C PRO A 8 27.84 -9.62 2.39
N LYS A 9 29.05 -10.17 2.48
CA LYS A 9 29.40 -10.97 3.64
C LYS A 9 29.03 -10.29 4.96
N GLY A 10 28.21 -10.96 5.76
CA GLY A 10 27.80 -10.39 7.04
C GLY A 10 26.43 -9.71 7.07
N GLU A 11 25.87 -9.45 5.90
CA GLU A 11 24.55 -8.82 5.87
C GLU A 11 23.37 -9.82 5.79
N CYS A 12 23.66 -11.11 5.95
CA CYS A 12 22.64 -12.15 5.94
C CYS A 12 23.10 -13.11 7.04
N PRO A 13 23.41 -12.58 8.24
CA PRO A 13 23.90 -13.38 9.38
C PRO A 13 23.07 -14.52 9.96
N TRP A 14 21.78 -14.55 9.68
CA TRP A 14 20.95 -15.62 10.23
C TRP A 14 20.83 -16.75 9.20
N GLN A 15 21.39 -16.56 8.01
CA GLN A 15 21.28 -17.56 6.99
C GLN A 15 22.00 -18.81 7.43
N VAL A 16 21.46 -19.98 7.13
CA VAL A 16 22.14 -21.22 7.53
C VAL A 16 22.33 -22.10 6.32
N LEU A 17 23.42 -22.87 6.31
CA LEU A 17 23.63 -23.84 5.24
C LEU A 17 23.45 -25.23 5.84
N LEU A 18 22.62 -26.07 5.24
CA LEU A 18 22.43 -27.44 5.77
C LEU A 18 23.11 -28.43 4.82
N LEU A 19 23.92 -29.32 5.36
CA LEU A 19 24.63 -30.32 4.55
C LEU A 19 24.36 -31.71 5.11
N VAL A 20 24.24 -32.70 4.23
CA VAL A 20 24.09 -34.10 4.63
C VAL A 20 25.33 -34.75 4.06
N ASN A 21 25.99 -35.57 4.88
CA ASN A 21 27.17 -36.27 4.44
C ASN A 21 28.08 -35.30 3.68
N GLY A 22 28.21 -34.08 4.21
CA GLY A 22 29.08 -33.09 3.59
C GLY A 22 28.62 -32.48 2.29
N ALA A 23 27.43 -32.84 1.81
CA ALA A 23 26.92 -32.28 0.56
C ALA A 23 25.87 -31.20 0.83
N GLN A 24 25.87 -30.13 0.04
CA GLN A 24 24.90 -29.06 0.20
C GLN A 24 23.50 -29.64 0.13
N LEU A 25 22.68 -29.39 1.13
CA LEU A 25 21.30 -29.93 1.12
C LEU A 25 20.19 -28.85 1.04
N CYS A 26 20.30 -27.82 1.88
CA CYS A 26 19.27 -26.79 1.96
C CYS A 26 19.73 -25.60 2.78
N GLY A 27 18.88 -24.59 2.85
CA GLY A 27 19.16 -23.44 3.66
C GLY A 27 18.33 -23.50 4.94
N GLY A 28 18.58 -22.58 5.85
CA GLY A 28 17.82 -22.53 7.09
C GLY A 28 17.95 -21.14 7.69
N THR A 29 17.25 -20.91 8.80
CA THR A 29 17.32 -19.61 9.45
C THR A 29 17.55 -19.75 10.96
N LEU A 30 18.61 -19.13 11.47
CA LEU A 30 18.87 -19.20 12.92
C LEU A 30 17.87 -18.28 13.61
N ILE A 31 17.25 -18.70 14.72
CA ILE A 31 16.32 -17.81 15.42
C ILE A 31 16.71 -17.57 16.89
N ASN A 32 17.79 -18.24 17.28
CA ASN A 32 18.44 -18.13 18.58
C ASN A 32 19.70 -19.01 18.52
N THR A 33 20.44 -19.16 19.62
CA THR A 33 21.68 -19.91 19.57
C THR A 33 21.61 -21.41 19.33
N ILE A 34 20.47 -22.05 19.59
CA ILE A 34 20.43 -23.49 19.35
C ILE A 34 19.34 -23.95 18.38
N TRP A 35 18.47 -23.06 17.95
CA TRP A 35 17.41 -23.48 17.04
C TRP A 35 17.50 -22.90 15.64
N VAL A 36 17.20 -23.74 14.67
CA VAL A 36 17.20 -23.35 13.27
C VAL A 36 15.87 -23.78 12.63
N VAL A 37 15.29 -22.90 11.83
CA VAL A 37 14.04 -23.20 11.17
C VAL A 37 14.39 -23.44 9.73
N SER A 38 13.87 -24.53 9.17
CA SER A 38 14.15 -24.87 7.80
C SER A 38 12.90 -25.44 7.17
N ALA A 39 13.00 -26.11 6.02
CA ALA A 39 11.81 -26.67 5.40
C ALA A 39 11.77 -28.20 5.58
N ALA A 40 10.61 -28.72 5.93
CA ALA A 40 10.47 -30.15 6.14
C ALA A 40 10.81 -30.98 4.91
N HIS A 41 10.52 -30.48 3.70
CA HIS A 41 10.78 -31.30 2.54
C HIS A 41 12.27 -31.52 2.30
N CYS A 42 13.08 -30.74 2.99
CA CYS A 42 14.52 -30.87 2.85
C CYS A 42 14.95 -32.22 3.37
N PHE A 43 14.10 -32.86 4.18
CA PHE A 43 14.44 -34.14 4.76
C PHE A 43 13.74 -35.37 4.21
N ASP A 44 12.97 -35.23 3.13
CA ASP A 44 12.26 -36.37 2.56
C ASP A 44 13.16 -37.57 2.20
N LYS A 45 14.40 -37.33 1.82
CA LYS A 45 15.25 -38.45 1.42
C LYS A 45 16.50 -38.71 2.25
N ILE A 46 16.50 -38.22 3.48
CA ILE A 46 17.62 -38.41 4.37
C ILE A 46 17.62 -39.87 4.85
N LYS A 47 18.82 -40.43 4.90
CA LYS A 47 19.02 -41.79 5.35
C LYS A 47 19.94 -41.77 6.58
N ASN A 48 21.06 -41.04 6.48
CA ASN A 48 21.99 -40.95 7.61
C ASN A 48 21.66 -39.71 8.46
N TRP A 49 20.69 -39.86 9.36
CA TRP A 49 20.25 -38.79 10.23
C TRP A 49 21.32 -38.28 11.17
N ARG A 50 22.37 -39.06 11.37
CA ARG A 50 23.45 -38.63 12.24
C ARG A 50 24.45 -37.82 11.43
N ASN A 51 24.15 -37.60 10.15
CA ASN A 51 25.06 -36.87 9.31
C ASN A 51 24.58 -35.50 8.86
N LEU A 52 23.57 -34.94 9.51
CA LEU A 52 23.11 -33.59 9.16
C LEU A 52 24.05 -32.57 9.83
N ILE A 53 24.49 -31.55 9.10
CA ILE A 53 25.34 -30.52 9.71
C ILE A 53 24.76 -29.14 9.39
N ALA A 54 24.77 -28.23 10.35
CA ALA A 54 24.30 -26.87 10.08
C ALA A 54 25.50 -25.94 10.19
N VAL A 55 25.75 -25.13 9.15
CA VAL A 55 26.88 -24.20 9.17
C VAL A 55 26.42 -22.75 9.20
N LEU A 56 26.93 -21.98 10.15
CA LEU A 56 26.58 -20.58 10.29
C LEU A 56 27.74 -19.67 9.95
N GLY A 57 27.43 -18.43 9.61
CA GLY A 57 28.46 -17.47 9.24
C GLY A 57 29.17 -17.85 7.95
N GLU A 58 28.50 -18.65 7.13
CA GLU A 58 29.04 -19.09 5.85
C GLU A 58 28.75 -17.98 4.82
N HIS A 59 29.49 -17.94 3.72
CA HIS A 59 29.27 -16.92 2.70
C HIS A 59 29.68 -17.40 1.31
N ASP A 60 30.97 -17.71 1.19
CA ASP A 60 31.57 -18.16 -0.06
C ASP A 60 31.94 -19.61 0.20
N LEU A 61 31.28 -20.54 -0.48
CA LEU A 61 31.54 -21.94 -0.24
C LEU A 61 32.86 -22.43 -0.82
N SER A 62 33.72 -21.53 -1.32
CA SER A 62 35.01 -21.95 -1.87
C SER A 62 36.16 -21.46 -1.01
N GLU A 63 35.85 -20.77 0.07
CA GLU A 63 36.88 -20.29 0.96
C GLU A 63 36.46 -20.59 2.40
N HIS A 64 37.44 -20.79 3.27
CA HIS A 64 37.15 -21.03 4.68
C HIS A 64 37.68 -19.85 5.45
N ASP A 65 36.92 -19.41 6.45
CA ASP A 65 37.40 -18.32 7.29
C ASP A 65 36.87 -18.48 8.69
N GLY A 66 37.38 -17.69 9.61
CA GLY A 66 36.97 -17.83 11.00
C GLY A 66 35.55 -17.45 11.40
N ASP A 67 34.74 -17.04 10.43
CA ASP A 67 33.38 -16.67 10.78
C ASP A 67 32.47 -17.89 10.71
N GLU A 68 32.97 -18.96 10.11
CA GLU A 68 32.19 -20.18 9.98
C GLU A 68 32.11 -21.01 11.27
N GLN A 69 30.93 -21.51 11.57
CA GLN A 69 30.71 -22.35 12.75
C GLN A 69 29.81 -23.49 12.37
N SER A 70 30.23 -24.71 12.69
CA SER A 70 29.46 -25.91 12.36
C SER A 70 28.89 -26.63 13.55
N ARG A 71 27.72 -27.21 13.36
CA ARG A 71 27.09 -27.89 14.48
C ARG A 71 26.31 -29.08 13.96
N ARG A 72 26.36 -30.18 14.69
CA ARG A 72 25.61 -31.34 14.26
C ARG A 72 24.17 -31.00 14.63
N VAL A 73 23.22 -31.45 13.83
CA VAL A 73 21.83 -31.21 14.12
C VAL A 73 21.42 -32.39 15.01
N ALA A 74 21.07 -32.09 16.25
CA ALA A 74 20.69 -33.12 17.21
C ALA A 74 19.27 -33.57 17.01
N GLN A 75 18.44 -32.73 16.42
CA GLN A 75 17.03 -33.09 16.27
C GLN A 75 16.38 -32.35 15.09
N VAL A 76 15.50 -33.03 14.39
CA VAL A 76 14.80 -32.45 13.27
C VAL A 76 13.34 -32.69 13.60
N ILE A 77 12.63 -31.63 13.97
CA ILE A 77 11.21 -31.71 14.30
C ILE A 77 10.38 -31.20 13.12
N ILE A 78 9.41 -32.00 12.73
CA ILE A 78 8.50 -31.74 11.62
C ILE A 78 7.05 -31.92 12.10
N PRO A 79 6.10 -31.15 11.54
CA PRO A 79 4.72 -31.32 12.02
C PRO A 79 4.26 -32.71 11.67
N SER A 80 3.45 -33.33 12.52
CA SER A 80 3.02 -34.68 12.16
C SER A 80 1.98 -34.66 11.03
N THR A 81 1.64 -33.48 10.54
CA THR A 81 0.68 -33.36 9.45
C THR A 81 1.38 -33.25 8.13
N TYR A 82 2.70 -33.12 8.14
CA TYR A 82 3.43 -33.03 6.90
C TYR A 82 3.59 -34.39 6.21
N VAL A 83 3.45 -34.40 4.88
CA VAL A 83 3.60 -35.62 4.09
C VAL A 83 4.74 -35.50 3.04
N PRO A 84 5.78 -36.33 3.18
CA PRO A 84 6.89 -36.27 2.23
C PRO A 84 6.34 -36.29 0.80
N GLY A 85 6.90 -35.46 -0.06
CA GLY A 85 6.45 -35.43 -1.43
C GLY A 85 5.24 -34.56 -1.67
N THR A 86 4.83 -33.81 -0.65
CA THR A 86 3.70 -32.91 -0.79
C THR A 86 4.14 -31.55 -0.25
N THR A 87 3.31 -30.53 -0.47
CA THR A 87 3.68 -29.18 -0.11
C THR A 87 3.27 -28.53 1.23
N ASN A 88 2.14 -28.94 1.80
CA ASN A 88 1.61 -28.32 3.02
C ASN A 88 2.44 -28.52 4.28
N HIS A 89 2.42 -27.54 5.16
CA HIS A 89 3.17 -27.60 6.41
C HIS A 89 4.64 -27.83 6.15
N ASP A 90 5.19 -27.15 5.14
CA ASP A 90 6.60 -27.32 4.83
C ASP A 90 7.49 -26.59 5.84
N ILE A 91 7.64 -27.13 7.06
CA ILE A 91 8.47 -26.48 8.08
C ILE A 91 9.10 -27.50 8.98
N ALA A 92 10.27 -27.16 9.52
CA ALA A 92 11.01 -28.05 10.40
C ALA A 92 11.80 -27.16 11.36
N LEU A 93 11.89 -27.63 12.60
CA LEU A 93 12.56 -26.96 13.70
C LEU A 93 13.77 -27.81 14.03
N LEU A 94 15.00 -27.30 13.87
CA LEU A 94 16.19 -28.09 14.15
C LEU A 94 16.95 -27.64 15.39
N ARG A 95 17.25 -28.60 16.29
CA ARG A 95 18.01 -28.31 17.50
C ARG A 95 19.46 -28.63 17.20
N LEU A 96 20.34 -27.66 17.42
CA LEU A 96 21.76 -27.89 17.17
C LEU A 96 22.35 -28.62 18.37
N HIS A 97 23.32 -29.49 18.13
CA HIS A 97 23.93 -30.25 19.23
C HIS A 97 24.56 -29.33 20.27
N GLN A 98 25.11 -28.22 19.77
CA GLN A 98 25.79 -27.28 20.64
C GLN A 98 25.46 -25.89 20.16
N PRO A 99 25.22 -24.97 21.09
CA PRO A 99 24.90 -23.62 20.63
C PRO A 99 26.01 -22.93 19.86
N VAL A 100 25.63 -22.07 18.92
CA VAL A 100 26.62 -21.30 18.16
C VAL A 100 26.94 -20.03 18.99
N VAL A 101 28.06 -19.39 18.68
CA VAL A 101 28.48 -18.18 19.36
C VAL A 101 27.99 -17.00 18.52
N LEU A 102 27.31 -16.03 19.14
CA LEU A 102 26.83 -14.90 18.38
C LEU A 102 28.00 -13.94 18.13
N THR A 103 28.23 -13.60 16.86
CA THR A 103 29.32 -12.69 16.45
C THR A 103 28.76 -11.70 15.44
N ASP A 104 29.62 -10.88 14.85
CA ASP A 104 29.20 -9.91 13.83
C ASP A 104 28.72 -10.62 12.57
N HIS A 105 29.09 -11.87 12.40
CA HIS A 105 28.68 -12.63 11.21
C HIS A 105 27.66 -13.73 11.49
N VAL A 106 27.27 -13.88 12.75
CA VAL A 106 26.31 -14.91 13.12
C VAL A 106 25.34 -14.33 14.14
N VAL A 107 24.14 -14.05 13.66
CA VAL A 107 23.10 -13.42 14.47
C VAL A 107 21.76 -14.04 14.10
N PRO A 108 20.89 -14.26 15.10
CA PRO A 108 19.55 -14.84 14.90
C PRO A 108 18.53 -13.85 14.34
N LEU A 109 17.61 -14.35 13.50
CA LEU A 109 16.54 -13.53 12.95
C LEU A 109 15.40 -13.63 13.94
N CYS A 110 14.70 -12.55 14.20
CA CYS A 110 13.59 -12.61 15.17
C CYS A 110 12.38 -13.42 14.75
N LEU A 111 11.88 -14.26 15.65
CA LEU A 111 10.65 -15.01 15.40
C LEU A 111 9.63 -14.00 15.99
N PRO A 112 8.71 -13.47 15.15
CA PRO A 112 7.73 -12.48 15.69
C PRO A 112 6.55 -13.12 16.37
N GLU A 113 5.74 -12.32 17.06
CA GLU A 113 4.50 -12.84 17.65
C GLU A 113 3.57 -13.02 16.47
N ARG A 114 2.60 -13.92 16.60
CA ARG A 114 1.65 -14.21 15.54
C ARG A 114 0.84 -13.00 15.05
N THR A 115 0.15 -12.29 15.94
CA THR A 115 -0.64 -11.15 15.50
C THR A 115 0.20 -10.03 14.86
N PHE A 116 1.35 -9.70 15.41
CA PHE A 116 2.21 -8.67 14.81
C PHE A 116 2.54 -9.12 13.37
N SER A 117 2.88 -10.40 13.20
CA SER A 117 3.23 -10.92 11.89
C SER A 117 2.01 -10.88 10.94
N GLU A 118 0.82 -11.21 11.48
CA GLU A 118 -0.39 -11.22 10.63
C GLU A 118 -0.94 -9.86 10.28
N ARG A 119 -1.02 -8.99 11.27
CA ARG A 119 -1.60 -7.67 11.07
C ARG A 119 -0.64 -6.59 10.60
N THR A 120 0.65 -6.76 10.83
CA THR A 120 1.61 -5.76 10.38
C THR A 120 2.63 -6.28 9.35
N LEU A 121 3.51 -7.21 9.73
CA LEU A 121 4.52 -7.69 8.79
C LEU A 121 3.94 -8.19 7.48
N ALA A 122 2.77 -8.81 7.55
CA ALA A 122 2.15 -9.35 6.35
C ALA A 122 1.85 -8.29 5.29
N PHE A 123 1.89 -7.02 5.69
CA PHE A 123 1.59 -5.96 4.74
C PHE A 123 2.76 -5.09 4.32
N VAL A 124 3.95 -5.43 4.79
CA VAL A 124 5.19 -4.76 4.38
C VAL A 124 5.34 -5.45 3.01
N ARG A 125 5.40 -4.69 1.93
CA ARG A 125 5.44 -5.32 0.63
C ARG A 125 6.64 -6.19 0.19
N PHE A 126 7.84 -5.77 0.55
CA PHE A 126 9.04 -6.48 0.16
C PHE A 126 9.72 -7.17 1.31
N SER A 127 10.35 -8.30 1.01
CA SER A 127 11.12 -9.05 1.99
C SER A 127 12.28 -9.67 1.22
N LEU A 128 13.30 -10.09 1.93
CA LEU A 128 14.45 -10.69 1.27
C LEU A 128 14.43 -12.20 1.36
N VAL A 129 14.84 -12.86 0.27
CA VAL A 129 14.95 -14.31 0.28
C VAL A 129 16.40 -14.57 -0.07
N SER A 130 16.96 -15.67 0.42
CA SER A 130 18.36 -15.91 0.19
C SER A 130 18.71 -17.36 0.24
N GLY A 131 19.89 -17.68 -0.27
CA GLY A 131 20.35 -19.05 -0.31
C GLY A 131 21.45 -19.20 -1.35
N TRP A 132 21.98 -20.41 -1.43
CA TRP A 132 23.03 -20.81 -2.35
C TRP A 132 22.44 -21.67 -3.46
N GLY A 133 21.14 -21.52 -3.66
CA GLY A 133 20.46 -22.31 -4.69
C GLY A 133 20.83 -21.99 -6.12
N GLN A 134 20.12 -22.65 -7.03
CA GLN A 134 20.32 -22.48 -8.46
C GLN A 134 20.20 -21.02 -8.93
N LEU A 135 21.08 -20.60 -9.85
CA LEU A 135 21.01 -19.24 -10.36
C LEU A 135 20.03 -19.18 -11.53
N LEU A 136 19.78 -20.33 -12.15
CA LEU A 136 18.84 -20.48 -13.27
C LEU A 136 18.07 -21.79 -13.06
N ASP A 137 16.84 -21.83 -13.56
CA ASP A 137 15.96 -22.97 -13.41
C ASP A 137 16.70 -24.27 -13.74
N ARG A 138 17.36 -24.32 -14.90
CA ARG A 138 18.11 -25.51 -15.30
C ARG A 138 19.46 -25.62 -14.55
N GLY A 139 20.12 -24.48 -14.41
CA GLY A 139 21.43 -24.33 -13.79
C GLY A 139 21.96 -24.94 -12.51
N ALA A 140 23.22 -24.59 -12.22
CA ALA A 140 23.93 -25.07 -11.04
C ALA A 140 23.78 -24.06 -9.93
N THR A 141 24.22 -24.44 -8.74
CA THR A 141 24.10 -23.58 -7.58
C THR A 141 25.15 -22.50 -7.47
N ALA A 142 24.93 -21.57 -6.56
CA ALA A 142 25.82 -20.44 -6.38
C ALA A 142 26.86 -20.69 -5.31
N LEU A 143 28.06 -20.11 -5.50
CA LEU A 143 29.15 -20.23 -4.54
C LEU A 143 29.06 -19.14 -3.47
N GLU A 144 28.50 -17.99 -3.81
CA GLU A 144 28.37 -16.91 -2.84
C GLU A 144 26.91 -16.74 -2.45
N LEU A 145 26.66 -16.52 -1.16
CA LEU A 145 25.31 -16.35 -0.70
C LEU A 145 24.59 -15.31 -1.55
N MET A 146 23.49 -15.69 -2.17
CA MET A 146 22.76 -14.73 -2.99
C MET A 146 21.48 -14.24 -2.24
N VAL A 147 21.08 -12.99 -2.46
CA VAL A 147 19.88 -12.44 -1.81
C VAL A 147 19.02 -11.78 -2.87
N LEU A 148 17.71 -11.73 -2.63
CA LEU A 148 16.75 -11.16 -3.57
C LEU A 148 15.53 -10.56 -2.84
N ASN A 149 15.17 -9.33 -3.22
CA ASN A 149 14.03 -8.66 -2.60
C ASN A 149 12.79 -9.04 -3.43
N VAL A 150 11.75 -9.57 -2.76
CA VAL A 150 10.53 -9.96 -3.44
C VAL A 150 9.27 -9.42 -2.78
N PRO A 151 8.29 -9.03 -3.60
CA PRO A 151 7.05 -8.48 -3.09
C PRO A 151 6.06 -9.60 -2.77
N ARG A 152 5.30 -9.42 -1.70
CA ARG A 152 4.33 -10.41 -1.26
C ARG A 152 2.95 -10.23 -1.86
N LEU A 153 2.24 -11.34 -2.04
CA LEU A 153 0.88 -11.25 -2.56
C LEU A 153 -0.11 -11.99 -1.71
N MET A 154 -1.31 -11.44 -1.57
CA MET A 154 -2.35 -12.14 -0.84
C MET A 154 -2.72 -13.27 -1.78
N THR A 155 -3.16 -14.39 -1.21
CA THR A 155 -3.46 -15.55 -2.02
C THR A 155 -4.48 -15.39 -3.12
N GLN A 156 -5.54 -14.65 -2.86
CA GLN A 156 -6.54 -14.43 -3.91
C GLN A 156 -5.87 -13.83 -5.16
N ASP A 157 -4.94 -12.90 -4.94
CA ASP A 157 -4.22 -12.27 -6.03
C ASP A 157 -3.25 -13.24 -6.66
N CYS A 158 -2.59 -14.03 -5.84
CA CYS A 158 -1.63 -14.97 -6.39
C CYS A 158 -2.30 -15.88 -7.41
N LEU A 159 -3.41 -16.49 -7.02
CA LEU A 159 -4.18 -17.39 -7.89
C LEU A 159 -4.68 -16.68 -9.14
N GLN A 160 -5.23 -15.49 -8.97
CA GLN A 160 -5.77 -14.78 -10.10
C GLN A 160 -4.68 -14.44 -11.07
N GLN A 161 -3.49 -14.18 -10.56
CA GLN A 161 -2.41 -13.77 -11.42
C GLN A 161 -1.54 -14.87 -11.92
N SER A 162 -1.93 -16.10 -11.63
CA SER A 162 -1.17 -17.26 -12.06
C SER A 162 -1.88 -18.12 -13.12
N ARG A 163 -1.10 -18.85 -13.90
CA ARG A 163 -1.65 -19.76 -14.91
C ARG A 163 -2.09 -21.05 -14.21
N LYS A 164 -3.02 -21.79 -14.82
CA LYS A 164 -3.58 -23.02 -14.27
C LYS A 164 -2.73 -24.29 -14.41
N SER A 168 -0.92 -29.20 -9.96
CA SER A 168 -0.35 -28.10 -9.18
C SER A 168 -0.91 -28.08 -7.75
N PRO A 169 -0.04 -28.06 -6.75
CA PRO A 169 -0.53 -28.03 -5.37
C PRO A 169 -1.40 -26.80 -5.15
N ASN A 170 -2.26 -26.86 -4.14
CA ASN A 170 -3.11 -25.71 -3.88
C ASN A 170 -2.39 -24.84 -2.87
N ILE A 171 -2.60 -23.53 -2.95
CA ILE A 171 -2.00 -22.58 -2.03
C ILE A 171 -2.85 -22.63 -0.77
N THR A 172 -2.35 -23.17 0.33
CA THR A 172 -3.18 -23.23 1.52
C THR A 172 -3.05 -22.01 2.39
N GLU A 173 -3.76 -22.02 3.50
CA GLU A 173 -3.68 -20.89 4.41
C GLU A 173 -2.33 -20.94 5.15
N TYR A 174 -1.62 -22.06 5.00
CA TYR A 174 -0.29 -22.21 5.61
C TYR A 174 0.80 -21.82 4.62
N MET A 175 0.44 -21.08 3.57
CA MET A 175 1.39 -20.64 2.56
C MET A 175 1.05 -19.22 2.12
N PHE A 176 1.91 -18.65 1.29
CA PHE A 176 1.68 -17.33 0.71
C PHE A 176 2.66 -17.19 -0.44
N CYS A 177 2.26 -16.44 -1.46
CA CYS A 177 3.12 -16.23 -2.60
C CYS A 177 3.92 -14.94 -2.51
N ALA A 178 5.08 -14.95 -3.15
CA ALA A 178 5.91 -13.76 -3.19
C ALA A 178 6.78 -13.88 -4.45
N GLY A 179 7.03 -12.76 -5.10
CA GLY A 179 7.87 -12.79 -6.28
C GLY A 179 7.34 -12.07 -7.50
N TYR A 180 7.75 -12.56 -8.67
CA TYR A 180 7.33 -11.97 -9.94
C TYR A 180 6.84 -13.03 -10.90
N SER A 181 5.88 -12.70 -11.74
CA SER A 181 5.39 -13.69 -12.68
C SER A 181 5.91 -13.43 -14.09
N ASP A 182 6.80 -12.45 -14.22
CA ASP A 182 7.32 -12.11 -15.53
C ASP A 182 8.49 -13.01 -15.91
N GLY A 183 8.85 -13.94 -15.03
CA GLY A 183 9.94 -14.86 -15.31
C GLY A 183 11.33 -14.35 -14.98
N SER A 184 11.46 -13.28 -14.22
CA SER A 184 12.77 -12.71 -13.93
C SER A 184 13.39 -12.91 -12.56
N LYS A 185 12.60 -13.08 -11.52
CA LYS A 185 13.17 -13.24 -10.19
C LYS A 185 12.39 -14.21 -9.36
N ASP A 186 13.10 -15.02 -8.58
CA ASP A 186 12.46 -16.01 -7.72
C ASP A 186 13.58 -16.69 -6.91
N SER A 187 13.20 -17.44 -5.88
CA SER A 187 14.22 -18.19 -5.18
C SER A 187 14.11 -19.47 -6.00
N CYS A 188 14.86 -20.50 -5.65
CA CYS A 188 14.82 -21.74 -6.41
C CYS A 188 15.01 -22.96 -5.51
N LYS A 189 14.89 -24.14 -6.08
CA LYS A 189 15.00 -25.40 -5.34
C LYS A 189 16.05 -25.46 -4.23
N GLY A 190 17.31 -25.20 -4.59
CA GLY A 190 18.39 -25.25 -3.62
C GLY A 190 18.27 -24.21 -2.53
N ASP A 191 17.33 -23.28 -2.65
CA ASP A 191 17.16 -22.26 -1.63
C ASP A 191 16.17 -22.74 -0.57
N SER A 192 15.52 -23.86 -0.86
CA SER A 192 14.55 -24.45 0.06
C SER A 192 14.96 -24.36 1.52
N GLY A 193 14.02 -23.96 2.38
CA GLY A 193 14.28 -23.87 3.81
C GLY A 193 14.91 -22.58 4.27
N GLY A 194 15.39 -21.79 3.30
CA GLY A 194 16.01 -20.54 3.66
C GLY A 194 14.94 -19.54 4.04
N PRO A 195 15.33 -18.42 4.65
CA PRO A 195 14.51 -17.30 5.12
C PRO A 195 13.89 -16.37 4.08
N HIS A 196 12.71 -15.87 4.42
CA HIS A 196 11.97 -14.86 3.66
C HIS A 196 11.92 -13.92 4.84
N ALA A 197 12.83 -12.93 4.88
CA ALA A 197 12.93 -12.01 6.01
C ALA A 197 12.34 -10.61 5.75
N THR A 198 11.53 -10.16 6.68
CA THR A 198 10.85 -8.87 6.57
C THR A 198 11.42 -7.80 7.51
N HIS A 199 11.75 -6.66 6.93
CA HIS A 199 12.33 -5.54 7.67
C HIS A 199 11.22 -4.58 8.14
N TYR A 200 11.17 -4.32 9.45
CA TYR A 200 10.16 -3.40 9.96
C TYR A 200 10.75 -2.56 11.09
N ARG A 201 10.61 -1.25 10.94
CA ARG A 201 11.10 -0.30 11.92
C ARG A 201 12.42 -0.67 12.60
N GLY A 202 13.43 -1.00 11.81
CA GLY A 202 14.72 -1.31 12.40
C GLY A 202 14.99 -2.76 12.74
N THR A 203 14.04 -3.66 12.53
CA THR A 203 14.28 -5.04 12.85
C THR A 203 13.78 -6.02 11.80
N TRP A 204 14.54 -7.09 11.61
CA TRP A 204 14.16 -8.11 10.65
C TRP A 204 13.47 -9.24 11.40
N TYR A 205 12.43 -9.79 10.80
CA TYR A 205 11.64 -10.86 11.40
C TYR A 205 11.49 -12.02 10.41
N LEU A 206 11.31 -13.24 10.88
CA LEU A 206 11.13 -14.35 9.96
C LEU A 206 9.64 -14.42 9.60
N THR A 207 9.31 -14.25 8.31
CA THR A 207 7.89 -14.34 7.88
C THR A 207 7.67 -15.52 6.95
N GLY A 208 8.73 -15.99 6.30
CA GLY A 208 8.58 -17.11 5.41
C GLY A 208 9.73 -18.08 5.31
N ILE A 209 9.48 -19.23 4.67
CA ILE A 209 10.50 -20.25 4.43
C ILE A 209 10.37 -20.63 2.93
N VAL A 210 11.49 -20.59 2.20
CA VAL A 210 11.50 -20.96 0.79
C VAL A 210 10.97 -22.38 0.77
N SER A 211 9.89 -22.61 0.02
CA SER A 211 9.21 -23.91 0.04
C SER A 211 9.00 -24.63 -1.29
N TRP A 212 8.19 -24.06 -2.17
CA TRP A 212 8.02 -24.71 -3.45
C TRP A 212 7.69 -23.68 -4.54
N GLY A 213 7.29 -24.17 -5.71
CA GLY A 213 6.93 -23.30 -6.80
C GLY A 213 7.01 -24.09 -8.09
N GLN A 214 6.45 -23.57 -9.18
CA GLN A 214 6.51 -24.25 -10.46
C GLN A 214 7.83 -23.84 -11.05
N GLY A 215 8.73 -24.78 -11.28
CA GLY A 215 10.04 -24.45 -11.80
C GLY A 215 10.64 -23.36 -10.93
N CYS A 216 11.41 -22.48 -11.56
CA CYS A 216 12.05 -21.36 -10.87
C CYS A 216 11.94 -20.11 -11.73
N ALA A 217 11.20 -19.12 -11.24
CA ALA A 217 11.00 -17.89 -11.97
C ALA A 217 10.34 -18.23 -13.31
N THR A 218 9.33 -19.07 -13.23
CA THR A 218 8.58 -19.47 -14.41
C THR A 218 7.54 -18.39 -14.68
N VAL A 219 7.37 -18.02 -15.94
CA VAL A 219 6.42 -17.00 -16.34
C VAL A 219 5.02 -17.43 -15.98
N GLY A 220 4.26 -16.54 -15.35
CA GLY A 220 2.92 -16.91 -14.94
C GLY A 220 2.85 -17.58 -13.58
N HIS A 221 3.99 -17.61 -12.86
CA HIS A 221 4.03 -18.21 -11.55
C HIS A 221 4.86 -17.41 -10.55
N PHE A 222 4.57 -17.61 -9.27
CA PHE A 222 5.26 -16.94 -8.18
C PHE A 222 5.89 -17.98 -7.28
N GLY A 223 6.85 -17.58 -6.46
CA GLY A 223 7.40 -18.54 -5.52
C GLY A 223 6.40 -18.71 -4.39
N VAL A 224 6.48 -19.81 -3.67
CA VAL A 224 5.56 -20.01 -2.58
C VAL A 224 6.40 -20.27 -1.35
N TYR A 225 5.94 -19.76 -0.21
CA TYR A 225 6.66 -19.88 1.05
C TYR A 225 5.78 -20.33 2.20
N THR A 226 6.36 -21.07 3.12
CA THR A 226 5.61 -21.49 4.28
C THR A 226 5.23 -20.23 5.07
N ARG A 227 3.98 -20.11 5.49
CA ARG A 227 3.55 -18.93 6.21
C ARG A 227 3.89 -19.13 7.68
N VAL A 228 5.07 -18.67 8.09
CA VAL A 228 5.54 -18.85 9.46
C VAL A 228 4.64 -18.39 10.59
N SER A 229 3.79 -17.40 10.34
CA SER A 229 2.90 -16.90 11.37
C SER A 229 1.96 -17.96 11.91
N GLN A 230 1.68 -19.00 11.12
CA GLN A 230 0.78 -20.08 11.56
C GLN A 230 1.48 -21.07 12.46
N TYR A 231 2.80 -21.00 12.55
CA TYR A 231 3.54 -21.96 13.36
C TYR A 231 4.24 -21.42 14.57
N ILE A 232 4.03 -20.15 14.89
CA ILE A 232 4.72 -19.54 16.03
C ILE A 232 4.54 -20.27 17.36
N GLU A 233 3.31 -20.61 17.72
CA GLU A 233 3.02 -21.33 18.95
C GLU A 233 3.67 -22.71 18.87
N TRP A 234 3.48 -23.36 17.74
CA TRP A 234 4.06 -24.66 17.54
C TRP A 234 5.57 -24.60 17.79
N LEU A 235 6.26 -23.67 17.12
CA LEU A 235 7.70 -23.57 17.31
C LEU A 235 8.09 -23.25 18.75
N GLN A 236 7.32 -22.38 19.40
CA GLN A 236 7.65 -22.02 20.78
C GLN A 236 7.43 -23.10 21.81
N LYS A 237 6.39 -23.89 21.66
CA LYS A 237 6.13 -24.96 22.60
C LYS A 237 7.30 -25.94 22.48
N LEU A 238 7.68 -26.28 21.25
CA LEU A 238 8.79 -27.23 20.97
C LEU A 238 10.13 -26.77 21.47
N MET A 239 10.42 -25.49 21.31
CA MET A 239 11.70 -24.95 21.77
C MET A 239 11.84 -25.09 23.28
N ARG A 240 10.72 -25.18 23.98
CA ARG A 240 10.75 -25.31 25.44
C ARG A 240 10.63 -26.77 25.84
N SER A 241 10.75 -27.68 24.88
CA SER A 241 10.60 -29.10 25.17
C SER A 241 11.92 -29.80 25.43
N GLU A 242 11.83 -30.93 26.13
CA GLU A 242 13.01 -31.74 26.44
C GLU A 242 13.39 -32.53 25.19
N PRO A 243 14.70 -32.72 24.96
CA PRO A 243 15.27 -33.47 23.83
C PRO A 243 14.83 -34.92 23.81
N ARG A 244 14.09 -35.33 22.78
CA ARG A 244 13.64 -36.73 22.69
C ARG A 244 14.67 -37.60 21.96
N PRO A 245 14.71 -38.89 22.30
CA PRO A 245 15.64 -39.88 21.71
C PRO A 245 15.45 -39.85 20.21
N GLY A 246 16.48 -40.21 19.46
CA GLY A 246 16.37 -40.22 18.01
C GLY A 246 16.42 -38.84 17.39
N VAL A 247 17.03 -38.75 16.21
CA VAL A 247 17.15 -37.48 15.54
C VAL A 247 15.82 -36.91 15.08
N LEU A 248 15.07 -37.69 14.31
CA LEU A 248 13.78 -37.25 13.77
C LEU A 248 12.60 -37.37 14.72
N LEU A 249 11.87 -36.29 14.92
CA LEU A 249 10.70 -36.26 15.78
C LEU A 249 9.48 -35.66 15.03
N ARG A 250 8.29 -36.22 15.17
CA ARG A 250 7.09 -35.63 14.56
C ARG A 250 6.20 -35.16 15.68
N ALA A 251 5.95 -33.86 15.72
CA ALA A 251 5.15 -33.23 16.76
C ALA A 251 3.81 -32.82 16.22
N PRO A 252 2.75 -33.09 16.98
CA PRO A 252 1.43 -32.70 16.49
C PRO A 252 1.28 -31.24 16.15
N PHE A 253 0.44 -31.00 15.16
CA PHE A 253 0.14 -29.67 14.75
C PHE A 253 -1.32 -29.71 14.41
N PRO A 254 -2.13 -28.81 14.99
CA PRO A 254 -1.80 -27.75 15.95
C PRO A 254 -1.07 -28.23 17.18
N ALA B 1 -38.45 37.93 -10.59
CA ALA B 1 -39.90 37.76 -10.31
C ALA B 1 -40.68 38.86 -11.01
N ASN B 2 -41.99 38.69 -11.09
CA ASN B 2 -42.84 39.67 -11.75
C ASN B 2 -43.84 40.37 -10.83
N ALA B 3 -43.80 41.70 -10.80
CA ALA B 3 -44.78 42.45 -10.02
C ALA B 3 -45.67 43.15 -11.05
N PHE B 4 -46.77 43.74 -10.57
CA PHE B 4 -47.70 44.45 -11.42
C PHE B 4 -46.99 45.34 -12.47
N LEU B 5 -47.30 45.09 -13.74
CA LEU B 5 -46.76 45.86 -14.88
C LEU B 5 -45.26 45.87 -15.10
N LEU B 8 -43.73 45.04 -18.63
CA LEU B 8 -43.82 45.99 -19.74
C LEU B 8 -42.37 46.44 -20.04
N ARG B 9 -41.47 46.27 -19.06
CA ARG B 9 -40.06 46.65 -19.18
C ARG B 9 -39.26 45.55 -19.89
N PRO B 10 -38.28 45.95 -20.70
CA PRO B 10 -37.49 44.91 -21.37
C PRO B 10 -36.69 44.11 -20.32
N GLY B 11 -36.37 42.86 -20.64
CA GLY B 11 -35.62 42.04 -19.69
C GLY B 11 -34.30 42.61 -19.20
N SER B 12 -34.03 42.38 -17.91
CA SER B 12 -32.80 42.84 -17.28
C SER B 12 -32.34 41.77 -16.30
N LEU B 13 -31.20 41.16 -16.58
CA LEU B 13 -30.68 40.12 -15.72
C LEU B 13 -30.42 40.57 -14.29
N ARG B 15 -31.81 43.23 -12.47
CA ARG B 15 -33.06 43.47 -11.81
C ARG B 15 -33.88 42.22 -11.53
N CYS B 17 -32.71 38.59 -12.07
CA CYS B 17 -32.06 37.38 -11.59
C CYS B 17 -31.06 37.60 -10.46
N LYS B 18 -30.44 38.78 -10.43
CA LYS B 18 -29.48 39.12 -9.40
C LYS B 18 -30.21 39.73 -8.20
N GLN B 21 -35.26 36.76 -7.74
CA GLN B 21 -35.18 35.38 -8.20
C GLN B 21 -35.99 35.33 -9.48
N CYS B 22 -35.36 34.88 -10.55
CA CYS B 22 -36.04 34.82 -11.82
C CYS B 22 -36.36 33.39 -12.21
N SER B 23 -37.53 33.18 -12.82
CA SER B 23 -37.91 31.83 -13.24
C SER B 23 -37.17 31.54 -14.55
N PHE B 24 -37.45 30.39 -15.15
CA PHE B 24 -36.79 30.02 -16.39
C PHE B 24 -37.24 30.88 -17.56
N ALA B 27 -35.67 34.23 -17.51
CA ALA B 27 -34.29 34.03 -17.91
C ALA B 27 -34.21 33.88 -19.42
N ARG B 28 -35.10 33.07 -19.98
CA ARG B 28 -35.15 32.87 -21.42
C ARG B 28 -35.51 34.21 -22.09
N ILE B 30 -34.53 36.89 -21.23
CA ILE B 30 -33.34 37.70 -21.17
C ILE B 30 -32.32 37.26 -22.22
N PHE B 31 -31.94 35.98 -22.21
CA PHE B 31 -30.96 35.50 -23.18
C PHE B 31 -31.54 35.13 -24.53
N LYS B 32 -32.86 34.93 -24.59
CA LYS B 32 -33.54 34.60 -25.84
C LYS B 32 -33.16 33.25 -26.46
N ASP B 33 -31.88 33.02 -26.65
CA ASP B 33 -31.41 31.76 -27.22
C ASP B 33 -31.55 30.61 -26.21
N ALA B 34 -31.92 29.43 -26.70
CA ALA B 34 -32.13 28.27 -25.84
C ALA B 34 -30.87 27.70 -25.21
N GLU B 35 -29.83 27.54 -26.02
CA GLU B 35 -28.57 26.99 -25.57
C GLU B 35 -27.90 27.96 -24.61
N ARG B 36 -28.20 29.25 -24.74
CA ARG B 36 -27.62 30.26 -23.86
C ARG B 36 -28.37 30.27 -22.53
N THR B 37 -29.70 30.14 -22.60
CA THR B 37 -30.53 30.13 -21.40
C THR B 37 -30.22 28.89 -20.56
N LYS B 38 -29.97 27.76 -21.21
CA LYS B 38 -29.65 26.52 -20.48
C LYS B 38 -28.28 26.64 -19.79
N LEU B 39 -27.31 27.18 -20.52
CA LEU B 39 -25.97 27.37 -19.96
C LEU B 39 -26.05 28.21 -18.70
N PHE B 40 -26.86 29.27 -18.74
CA PHE B 40 -27.06 30.15 -17.57
C PHE B 40 -27.88 29.42 -16.52
N TRP B 41 -28.96 28.79 -16.94
CA TRP B 41 -29.85 28.14 -15.99
C TRP B 41 -29.28 26.97 -15.20
N ILE B 42 -28.37 26.22 -15.80
CA ILE B 42 -27.83 25.08 -15.08
C ILE B 42 -27.13 25.48 -13.76
N SER B 43 -26.45 26.62 -13.75
CA SER B 43 -25.79 27.06 -12.51
C SER B 43 -26.74 27.88 -11.66
N TYR B 44 -27.43 28.84 -12.28
CA TYR B 44 -28.33 29.70 -11.56
C TYR B 44 -29.31 28.91 -10.72
N SER B 45 -29.77 27.79 -11.26
CA SER B 45 -30.76 26.99 -10.57
C SER B 45 -30.25 25.82 -9.76
N ASP B 46 -28.95 25.56 -9.81
CA ASP B 46 -28.35 24.42 -9.09
C ASP B 46 -28.66 24.35 -7.60
N GLY B 47 -28.49 25.48 -6.91
CA GLY B 47 -28.69 25.54 -5.47
C GLY B 47 -27.30 25.46 -4.84
N ASP B 48 -27.14 25.90 -3.59
CA ASP B 48 -25.83 25.80 -2.97
C ASP B 48 -25.80 24.61 -2.02
N GLN B 49 -25.19 23.50 -2.46
CA GLN B 49 -25.13 22.30 -1.63
C GLN B 49 -24.48 22.49 -0.28
N CYS B 50 -23.78 23.60 -0.09
CA CYS B 50 -23.11 23.89 1.16
C CYS B 50 -24.05 24.45 2.20
N ALA B 51 -25.22 24.87 1.73
CA ALA B 51 -26.24 25.47 2.60
C ALA B 51 -26.39 24.68 3.90
N SER B 52 -26.53 23.37 3.81
CA SER B 52 -26.68 22.57 4.99
C SER B 52 -25.46 22.56 5.91
N SER B 53 -24.40 23.26 5.55
CA SER B 53 -23.19 23.28 6.39
C SER B 53 -22.71 21.87 6.67
N PRO B 54 -22.39 21.10 5.61
CA PRO B 54 -21.95 19.73 5.87
C PRO B 54 -20.54 19.50 6.43
N CYS B 55 -19.62 20.41 6.18
CA CYS B 55 -18.27 20.21 6.67
C CYS B 55 -18.16 20.40 8.17
N GLN B 56 -17.64 19.39 8.85
CA GLN B 56 -17.49 19.42 10.30
C GLN B 56 -16.12 19.83 10.82
N ASN B 57 -16.01 19.93 12.13
CA ASN B 57 -14.76 20.26 12.79
C ASN B 57 -13.99 21.39 12.16
N GLY B 58 -14.71 22.44 11.78
CA GLY B 58 -14.07 23.62 11.21
C GLY B 58 -13.62 23.50 9.78
N GLY B 59 -14.24 22.60 9.04
CA GLY B 59 -13.89 22.44 7.65
C GLY B 59 -14.49 23.59 6.84
N SER B 60 -14.08 23.71 5.59
CA SER B 60 -14.57 24.75 4.73
C SER B 60 -15.23 24.09 3.55
N CYS B 61 -16.49 24.48 3.28
CA CYS B 61 -17.25 23.92 2.18
C CYS B 61 -17.08 24.74 0.92
N LYS B 62 -17.05 24.06 -0.21
CA LYS B 62 -16.94 24.70 -1.50
C LYS B 62 -18.01 24.03 -2.31
N ASP B 63 -18.94 24.84 -2.78
CA ASP B 63 -20.08 24.36 -3.54
C ASP B 63 -19.70 23.94 -4.95
N GLN B 64 -20.39 22.93 -5.47
CA GLN B 64 -20.16 22.41 -6.81
C GLN B 64 -21.51 22.21 -7.47
N LEU B 65 -21.53 21.55 -8.63
CA LEU B 65 -22.80 21.28 -9.31
C LEU B 65 -23.49 20.09 -8.65
N GLN B 66 -24.52 20.34 -7.86
CA GLN B 66 -25.23 19.24 -7.20
C GLN B 66 -24.26 18.41 -6.35
N SER B 67 -23.42 19.11 -5.61
CA SER B 67 -22.46 18.42 -4.75
C SER B 67 -21.58 19.46 -4.09
N TYR B 68 -20.74 19.02 -3.17
CA TYR B 68 -19.85 19.95 -2.48
C TYR B 68 -18.55 19.23 -2.21
N ILE B 69 -17.58 19.96 -1.67
CA ILE B 69 -16.27 19.40 -1.38
C ILE B 69 -15.82 19.99 -0.07
N CYS B 70 -15.53 19.15 0.91
CA CYS B 70 -15.08 19.70 2.17
C CYS B 70 -13.54 19.77 2.30
N PHE B 71 -13.01 20.97 2.60
CA PHE B 71 -11.57 21.12 2.85
C PHE B 71 -11.48 21.08 4.38
N CYS B 72 -10.69 20.16 4.91
CA CYS B 72 -10.59 19.98 6.36
C CYS B 72 -9.34 20.55 6.97
N LEU B 73 -9.33 20.60 8.31
CA LEU B 73 -8.17 21.07 9.06
C LEU B 73 -7.28 19.83 9.23
N PRO B 74 -5.97 20.02 9.37
CA PRO B 74 -5.00 18.93 9.55
C PRO B 74 -5.48 17.64 10.22
N ALA B 75 -6.02 17.76 11.43
CA ALA B 75 -6.46 16.57 12.17
C ALA B 75 -7.76 15.93 11.73
N PHE B 76 -8.24 16.24 10.53
CA PHE B 76 -9.50 15.65 10.10
C PHE B 76 -9.52 15.10 8.68
N GLU B 77 -10.40 14.14 8.43
CA GLU B 77 -10.52 13.53 7.11
C GLU B 77 -12.00 13.21 6.93
N GLY B 78 -12.32 12.54 5.83
CA GLY B 78 -13.69 12.20 5.56
C GLY B 78 -14.34 13.17 4.58
N ARG B 79 -15.39 12.68 3.93
CA ARG B 79 -16.14 13.48 2.98
C ARG B 79 -16.57 14.77 3.66
N ASN B 80 -16.91 14.66 4.95
CA ASN B 80 -17.37 15.80 5.71
C ASN B 80 -16.46 16.18 6.86
N CYS B 81 -15.21 15.75 6.79
CA CYS B 81 -14.26 16.05 7.86
C CYS B 81 -14.70 15.47 9.20
N GLU B 82 -15.59 14.48 9.15
CA GLU B 82 -16.09 13.85 10.37
C GLU B 82 -15.07 12.89 11.03
N THR B 83 -13.98 12.59 10.34
CA THR B 83 -13.02 11.67 10.93
C THR B 83 -11.90 12.33 11.70
N HIS B 84 -11.76 11.90 12.96
CA HIS B 84 -10.71 12.41 13.84
C HIS B 84 -9.44 11.58 13.66
N LYS B 85 -8.39 12.22 13.16
CA LYS B 85 -7.12 11.53 12.96
C LYS B 85 -6.48 11.10 14.29
N ASP B 86 -6.68 11.89 15.34
CA ASP B 86 -6.09 11.59 16.64
C ASP B 86 -6.84 10.50 17.41
N ASP B 87 -7.82 9.87 16.77
CA ASP B 87 -8.59 8.83 17.44
C ASP B 87 -8.46 7.50 16.71
N GLN B 88 -7.30 7.27 16.13
CA GLN B 88 -7.10 6.05 15.39
C GLN B 88 -5.97 5.23 15.98
N LEU B 89 -5.63 5.51 17.25
CA LEU B 89 -4.53 4.82 17.95
C LEU B 89 -4.81 3.36 18.35
N ILE B 90 -4.99 2.51 17.34
CA ILE B 90 -5.26 1.09 17.51
C ILE B 90 -4.16 0.31 16.85
N CYS B 91 -3.99 -0.96 17.23
CA CYS B 91 -2.93 -1.79 16.66
C CYS B 91 -3.00 -2.04 15.16
N VAL B 92 -4.21 -2.15 14.62
CA VAL B 92 -4.34 -2.39 13.19
C VAL B 92 -3.93 -1.16 12.38
N ASN B 93 -3.92 0.01 13.00
CA ASN B 93 -3.54 1.26 12.32
C ASN B 93 -2.05 1.58 12.51
N GLU B 94 -1.22 1.18 11.54
CA GLU B 94 0.21 1.44 11.62
C GLU B 94 0.84 0.86 12.88
N ASN B 95 0.41 -0.34 13.25
CA ASN B 95 0.97 -1.03 14.41
C ASN B 95 0.88 -0.18 15.68
N GLY B 96 -0.20 0.61 15.79
CA GLY B 96 -0.40 1.46 16.96
C GLY B 96 0.75 2.41 17.20
N GLY B 97 1.58 2.58 16.18
CA GLY B 97 2.70 3.46 16.34
C GLY B 97 3.79 2.81 17.20
N CYS B 98 3.68 1.51 17.44
CA CYS B 98 4.66 0.75 18.26
C CYS B 98 5.84 0.30 17.38
N GLU B 99 7.03 0.27 17.94
CA GLU B 99 8.19 -0.15 17.16
C GLU B 99 8.16 -1.64 16.92
N GLN B 100 7.66 -2.40 17.89
CA GLN B 100 7.62 -3.83 17.70
C GLN B 100 6.22 -4.41 17.92
N TYR B 101 5.90 -4.77 19.15
CA TYR B 101 4.60 -5.36 19.41
C TYR B 101 3.57 -4.36 19.88
N CYS B 102 2.32 -4.63 19.54
CA CYS B 102 1.20 -3.75 19.86
C CYS B 102 0.01 -4.55 20.40
N SER B 103 -0.51 -4.16 21.56
CA SER B 103 -1.65 -4.84 22.15
C SER B 103 -2.80 -3.87 22.30
N ASP B 104 -3.94 -4.14 21.67
CA ASP B 104 -5.07 -3.24 21.81
C ASP B 104 -5.62 -3.51 23.20
N HIS B 105 -6.41 -2.58 23.68
CA HIS B 105 -7.04 -2.75 24.97
C HIS B 105 -8.38 -2.03 24.85
N THR B 106 -9.46 -2.78 25.08
CA THR B 106 -10.82 -2.22 24.99
C THR B 106 -11.05 -1.14 26.04
N GLY B 107 -11.35 0.07 25.57
CA GLY B 107 -11.62 1.19 26.46
C GLY B 107 -10.46 2.14 26.68
N THR B 108 -9.34 1.59 27.13
CA THR B 108 -8.11 2.35 27.39
C THR B 108 -7.29 2.48 26.11
N LYS B 109 -6.03 2.91 26.24
CA LYS B 109 -5.18 3.05 25.07
C LYS B 109 -4.35 1.79 24.85
N ARG B 110 -3.78 1.68 23.66
CA ARG B 110 -2.97 0.52 23.31
C ARG B 110 -1.62 0.55 24.00
N SER B 111 -1.08 -0.63 24.26
CA SER B 111 0.22 -0.76 24.88
C SER B 111 1.18 -1.36 23.83
N CYS B 112 2.46 -1.05 23.97
CA CYS B 112 3.48 -1.55 23.06
C CYS B 112 4.43 -2.51 23.76
N ARG B 113 4.89 -3.55 23.07
CA ARG B 113 5.86 -4.45 23.69
C ARG B 113 7.11 -4.67 22.84
N CYS B 114 8.06 -5.44 23.35
CA CYS B 114 9.29 -5.70 22.63
C CYS B 114 9.62 -7.17 22.68
N HIS B 115 10.40 -7.61 21.71
CA HIS B 115 10.82 -9.02 21.62
C HIS B 115 11.94 -9.28 22.64
N GLU B 116 12.15 -10.55 23.00
CA GLU B 116 13.20 -10.90 23.95
C GLU B 116 14.48 -10.27 23.40
N GLY B 117 15.34 -9.78 24.29
CA GLY B 117 16.59 -9.17 23.87
C GLY B 117 16.45 -7.67 23.72
N TYR B 118 15.23 -7.18 23.91
CA TYR B 118 14.95 -5.75 23.79
C TYR B 118 14.14 -5.28 24.99
N SER B 119 14.07 -3.97 25.18
CA SER B 119 13.31 -3.41 26.30
C SER B 119 12.62 -2.15 25.82
N LEU B 120 11.41 -1.92 26.30
CA LEU B 120 10.62 -0.77 25.89
C LEU B 120 11.13 0.51 26.53
N LEU B 121 11.38 1.54 25.73
CA LEU B 121 11.88 2.80 26.26
C LEU B 121 10.79 3.58 27.00
N ALA B 122 11.20 4.66 27.65
CA ALA B 122 10.27 5.49 28.40
C ALA B 122 9.25 6.20 27.50
N ASP B 123 9.48 6.22 26.19
CA ASP B 123 8.48 6.87 25.33
C ASP B 123 7.30 5.91 25.13
N GLY B 124 7.38 4.71 25.68
CA GLY B 124 6.30 3.75 25.55
C GLY B 124 6.10 3.11 24.17
N VAL B 125 6.92 3.50 23.20
CA VAL B 125 6.80 2.95 21.84
C VAL B 125 8.07 2.29 21.29
N SER B 126 9.23 2.77 21.73
CA SER B 126 10.49 2.25 21.23
C SER B 126 11.11 1.10 22.00
N CYS B 127 11.92 0.32 21.29
CA CYS B 127 12.59 -0.81 21.91
C CYS B 127 14.08 -0.65 21.73
N THR B 128 14.84 -1.05 22.75
CA THR B 128 16.28 -0.94 22.69
C THR B 128 16.87 -2.30 23.10
N PRO B 129 17.97 -2.71 22.45
CA PRO B 129 18.62 -4.00 22.73
C PRO B 129 19.15 -4.13 24.14
N THR B 130 19.00 -5.29 24.75
CA THR B 130 19.51 -5.46 26.09
C THR B 130 20.66 -6.44 26.02
N VAL B 131 20.86 -7.04 24.86
CA VAL B 131 21.98 -7.96 24.66
C VAL B 131 22.90 -7.31 23.65
N GLU B 132 24.03 -7.96 23.40
CA GLU B 132 25.03 -7.44 22.48
C GLU B 132 24.66 -7.77 21.06
N TYR B 133 24.01 -8.92 20.90
CA TYR B 133 23.60 -9.39 19.59
C TYR B 133 22.10 -9.69 19.57
N PRO B 134 21.27 -8.66 19.61
CA PRO B 134 19.83 -8.88 19.59
C PRO B 134 19.39 -9.41 18.21
N CYS B 135 18.32 -10.20 18.17
CA CYS B 135 17.85 -10.74 16.91
C CYS B 135 17.43 -9.61 16.00
N GLY B 136 17.48 -9.85 14.69
CA GLY B 136 17.04 -8.88 13.71
C GLY B 136 17.94 -7.72 13.37
N LYS B 137 19.08 -7.58 14.04
CA LYS B 137 19.99 -6.49 13.72
C LYS B 137 21.22 -7.04 13.01
N ILE B 138 21.70 -6.29 12.03
CA ILE B 138 22.89 -6.65 11.27
C ILE B 138 24.08 -5.87 11.79
N PRO B 139 24.84 -6.49 12.72
CA PRO B 139 26.03 -5.92 13.37
C PRO B 139 26.91 -5.02 12.51
N ILE B 140 27.35 -5.49 11.34
CA ILE B 140 28.23 -4.65 10.54
C ILE B 140 27.56 -3.43 9.98
N LEU B 141 26.23 -3.36 10.00
CA LEU B 141 25.56 -2.17 9.49
C LEU B 141 25.20 -1.25 10.64
N GLU B 142 25.20 -1.77 11.86
CA GLU B 142 24.88 -0.95 13.04
C GLU B 142 26.05 -0.03 13.46
N THR C 6 -20.67 -13.42 5.11
CA THR C 6 -19.96 -12.22 4.57
C THR C 6 -19.78 -12.25 3.04
N VAL C 7 -19.95 -11.10 2.40
CA VAL C 7 -19.77 -11.02 0.95
C VAL C 7 -18.75 -9.94 0.58
N ALA C 8 -17.93 -10.23 -0.41
CA ALA C 8 -16.91 -9.31 -0.84
C ALA C 8 -17.51 -8.09 -1.51
N ALA C 9 -16.98 -6.92 -1.17
CA ALA C 9 -17.43 -5.68 -1.77
C ALA C 9 -17.26 -5.80 -3.27
N TYR C 10 -18.01 -4.99 -4.01
CA TYR C 10 -17.92 -4.99 -5.47
C TYR C 10 -18.22 -3.60 -5.97
N ASN C 11 -18.05 -3.43 -7.27
CA ASN C 11 -18.26 -2.14 -7.92
C ASN C 11 -17.52 -1.02 -7.22
N LEU C 12 -16.27 -1.27 -6.85
CA LEU C 12 -15.45 -0.23 -6.20
C LEU C 12 -15.23 0.89 -7.19
N THR C 13 -15.53 2.12 -6.78
CA THR C 13 -15.39 3.27 -7.66
C THR C 13 -14.69 4.45 -7.03
N TRP C 14 -13.89 5.17 -7.82
CA TRP C 14 -13.22 6.36 -7.29
C TRP C 14 -14.08 7.56 -7.63
N LYS C 15 -14.26 8.45 -6.67
CA LYS C 15 -15.01 9.66 -6.88
C LYS C 15 -14.01 10.73 -6.48
N SER C 16 -13.43 11.39 -7.46
CA SER C 16 -12.42 12.40 -7.19
C SER C 16 -12.60 13.72 -7.95
N THR C 17 -12.47 14.85 -7.24
CA THR C 17 -12.61 16.18 -7.79
C THR C 17 -11.67 17.13 -7.05
N ASN C 18 -10.78 17.80 -7.80
CA ASN C 18 -9.81 18.72 -7.20
C ASN C 18 -9.04 17.99 -6.13
N PHE C 19 -8.91 16.69 -6.36
CA PHE C 19 -8.16 15.81 -5.51
C PHE C 19 -8.82 15.28 -4.23
N LYS C 20 -10.05 15.70 -3.96
CA LYS C 20 -10.79 15.18 -2.83
C LYS C 20 -11.15 13.81 -3.40
N THR C 21 -10.57 12.76 -2.82
CA THR C 21 -10.76 11.41 -3.33
C THR C 21 -11.39 10.44 -2.33
N ILE C 22 -12.62 9.99 -2.64
CA ILE C 22 -13.37 9.07 -1.80
C ILE C 22 -13.57 7.77 -2.56
N LEU C 23 -13.24 6.66 -1.93
CA LEU C 23 -13.45 5.38 -2.57
C LEU C 23 -14.85 4.92 -2.14
N GLU C 24 -15.66 4.48 -3.09
CA GLU C 24 -17.01 4.03 -2.76
C GLU C 24 -17.20 2.61 -3.20
N TRP C 25 -18.18 1.92 -2.64
CA TRP C 25 -18.44 0.54 -3.05
C TRP C 25 -19.79 0.02 -2.61
N GLU C 26 -20.02 -1.26 -2.86
CA GLU C 26 -21.25 -1.93 -2.48
C GLU C 26 -20.95 -3.23 -1.76
N PRO C 27 -21.96 -3.84 -1.12
CA PRO C 27 -23.36 -3.41 -1.03
C PRO C 27 -23.86 -2.66 0.23
N LYS C 28 -24.97 -1.93 0.06
CA LYS C 28 -25.64 -1.17 1.14
C LYS C 28 -27.01 -1.79 1.47
N VAL C 33 -19.34 -4.77 8.06
CA VAL C 33 -18.09 -4.16 8.55
C VAL C 33 -16.89 -4.34 7.60
N TYR C 34 -16.24 -3.22 7.25
CA TYR C 34 -15.12 -3.14 6.31
C TYR C 34 -13.88 -2.40 6.82
N THR C 35 -12.76 -2.64 6.13
CA THR C 35 -11.51 -1.93 6.39
C THR C 35 -10.82 -1.77 5.04
N VAL C 36 -10.33 -0.57 4.76
CA VAL C 36 -9.69 -0.31 3.48
C VAL C 36 -8.16 -0.23 3.56
N GLN C 37 -7.47 -0.64 2.50
CA GLN C 37 -6.01 -0.49 2.46
C GLN C 37 -5.67 0.20 1.16
N ILE C 38 -4.69 1.10 1.17
CA ILE C 38 -4.29 1.73 -0.07
C ILE C 38 -2.78 1.64 -0.14
N SER C 39 -2.25 1.70 -1.36
CA SER C 39 -0.81 1.63 -1.57
C SER C 39 -0.48 2.02 -2.99
N THR C 40 0.82 2.20 -3.26
CA THR C 40 1.35 2.49 -4.59
C THR C 40 1.92 1.13 -4.98
N LYS C 41 2.09 0.85 -6.27
CA LYS C 41 2.57 -0.48 -6.70
C LYS C 41 3.75 -1.10 -5.96
N SER C 42 4.57 -0.30 -5.29
CA SER C 42 5.71 -0.87 -4.60
C SER C 42 5.86 -0.35 -3.17
N GLY C 43 4.79 0.19 -2.60
CA GLY C 43 4.87 0.69 -1.24
C GLY C 43 4.17 -0.26 -0.28
N ASP C 44 4.22 0.03 1.00
CA ASP C 44 3.55 -0.86 1.92
C ASP C 44 2.06 -0.59 1.86
N TRP C 45 1.25 -1.50 2.38
CA TRP C 45 -0.18 -1.31 2.39
C TRP C 45 -0.57 -0.53 3.63
N LYS C 46 -1.43 0.48 3.48
CA LYS C 46 -1.84 1.27 4.63
C LYS C 46 -3.32 1.14 4.91
N SER C 47 -3.67 0.78 6.14
CA SER C 47 -5.07 0.63 6.48
C SER C 47 -5.78 1.95 6.70
N LYS C 48 -7.04 2.03 6.31
CA LYS C 48 -7.84 3.26 6.42
C LYS C 48 -9.28 2.88 6.73
N CYS C 49 -10.03 3.83 7.27
CA CYS C 49 -11.44 3.61 7.56
C CYS C 49 -11.66 2.28 8.25
N PHE C 50 -11.09 2.15 9.44
CA PHE C 50 -11.15 0.93 10.23
C PHE C 50 -12.49 0.45 10.72
N TYR C 51 -12.86 -0.74 10.27
CA TYR C 51 -14.09 -1.37 10.67
C TYR C 51 -15.26 -0.40 10.58
N THR C 52 -15.29 0.32 9.46
CA THR C 52 -16.34 1.28 9.17
C THR C 52 -17.55 0.50 8.67
N THR C 53 -18.76 1.05 8.83
CA THR C 53 -19.93 0.36 8.29
C THR C 53 -20.43 1.19 7.10
N ASP C 54 -19.65 2.19 6.74
CA ASP C 54 -19.97 3.02 5.58
C ASP C 54 -19.47 2.22 4.39
N THR C 55 -20.04 2.49 3.22
CA THR C 55 -19.60 1.84 2.02
C THR C 55 -18.86 2.92 1.24
N GLU C 56 -17.97 3.64 1.91
CA GLU C 56 -17.18 4.68 1.29
C GLU C 56 -16.00 4.93 2.22
N CYS C 57 -14.94 5.52 1.68
CA CYS C 57 -13.76 5.81 2.49
C CYS C 57 -12.96 6.94 1.88
N ASP C 58 -12.76 8.00 2.66
CA ASP C 58 -11.99 9.13 2.15
C ASP C 58 -10.50 8.77 2.10
N LEU C 59 -9.86 8.96 0.95
CA LEU C 59 -8.44 8.66 0.83
C LEU C 59 -7.63 9.87 0.37
N THR C 60 -8.24 11.04 0.45
CA THR C 60 -7.60 12.28 0.08
C THR C 60 -6.23 12.50 0.73
N ASP C 61 -6.13 12.32 2.05
CA ASP C 61 -4.84 12.56 2.72
C ASP C 61 -3.74 11.61 2.28
N GLU C 62 -4.12 10.42 1.82
CA GLU C 62 -3.11 9.50 1.38
C GLU C 62 -2.65 9.85 -0.04
N ILE C 63 -3.59 10.06 -0.98
CA ILE C 63 -3.21 10.36 -2.36
C ILE C 63 -2.55 11.74 -2.65
N VAL C 64 -2.81 12.77 -1.84
CA VAL C 64 -2.19 14.08 -2.09
C VAL C 64 -0.68 14.12 -1.68
N LYS C 65 -0.21 13.06 -1.05
CA LYS C 65 1.20 12.98 -0.67
C LYS C 65 2.02 12.88 -1.96
N ASP C 66 1.39 12.42 -3.05
CA ASP C 66 2.07 12.28 -4.32
C ASP C 66 1.03 12.01 -5.40
N VAL C 67 0.48 13.09 -5.96
CA VAL C 67 -0.57 12.96 -6.96
C VAL C 67 -0.15 12.35 -8.29
N LYS C 68 1.15 12.31 -8.55
CA LYS C 68 1.65 11.73 -9.79
C LYS C 68 1.75 10.21 -9.69
N GLN C 69 1.56 9.69 -8.49
CA GLN C 69 1.63 8.26 -8.22
C GLN C 69 0.35 7.56 -8.61
N THR C 70 0.46 6.23 -8.79
CA THR C 70 -0.68 5.40 -9.16
C THR C 70 -0.99 4.53 -7.94
N TYR C 71 -2.17 4.72 -7.38
CA TYR C 71 -2.59 3.96 -6.20
C TYR C 71 -3.52 2.82 -6.52
N LEU C 72 -3.61 1.87 -5.58
CA LEU C 72 -4.49 0.73 -5.75
C LEU C 72 -5.09 0.60 -4.38
N ALA C 73 -6.38 0.29 -4.31
CA ALA C 73 -6.99 0.16 -3.03
C ALA C 73 -7.69 -1.17 -2.99
N ARG C 74 -8.03 -1.64 -1.80
CA ARG C 74 -8.76 -2.90 -1.71
C ARG C 74 -9.61 -2.88 -0.44
N VAL C 75 -10.85 -3.30 -0.58
CA VAL C 75 -11.78 -3.29 0.53
C VAL C 75 -11.94 -4.66 1.19
N PHE C 76 -11.53 -4.76 2.45
CA PHE C 76 -11.67 -6.02 3.18
C PHE C 76 -13.07 -6.11 3.80
N SER C 77 -13.61 -7.32 3.88
CA SER C 77 -14.92 -7.54 4.48
C SER C 77 -14.88 -8.43 5.72
N TYR C 78 -15.72 -8.10 6.69
CA TYR C 78 -15.86 -8.88 7.92
C TYR C 78 -17.35 -8.96 8.26
N PRO C 79 -17.75 -10.01 8.98
CA PRO C 79 -19.15 -10.18 9.36
C PRO C 79 -19.66 -9.10 10.33
N GLU C 91 -6.92 -15.52 5.23
CA GLU C 91 -7.05 -14.12 4.86
C GLU C 91 -8.52 -13.74 4.63
N PRO C 92 -8.85 -12.45 4.83
CA PRO C 92 -10.20 -11.91 4.68
C PRO C 92 -10.68 -11.85 3.23
N LEU C 93 -12.00 -11.73 3.06
CA LEU C 93 -12.59 -11.59 1.74
C LEU C 93 -12.29 -10.15 1.39
N TYR C 94 -11.94 -9.92 0.13
CA TYR C 94 -11.64 -8.56 -0.27
C TYR C 94 -11.80 -8.40 -1.76
N GLU C 95 -11.73 -7.15 -2.21
CA GLU C 95 -11.88 -6.86 -3.62
C GLU C 95 -10.97 -5.68 -3.92
N ASN C 96 -10.30 -5.70 -5.07
CA ASN C 96 -9.41 -4.62 -5.45
C ASN C 96 -10.18 -3.53 -6.22
N SER C 97 -9.78 -2.29 -6.05
CA SER C 97 -10.41 -1.22 -6.81
C SER C 97 -9.62 -1.06 -8.10
N PRO C 98 -10.05 -0.18 -9.01
CA PRO C 98 -9.31 0.02 -10.25
C PRO C 98 -8.08 0.83 -9.83
N GLU C 99 -7.02 0.82 -10.63
CA GLU C 99 -5.85 1.62 -10.29
C GLU C 99 -6.26 3.08 -10.39
N PHE C 100 -5.64 3.96 -9.62
CA PHE C 100 -5.98 5.36 -9.67
C PHE C 100 -4.79 6.31 -9.57
N THR C 101 -4.66 7.15 -10.61
CA THR C 101 -3.60 8.14 -10.71
C THR C 101 -4.23 9.52 -10.66
N PRO C 102 -4.26 10.12 -9.47
CA PRO C 102 -4.85 11.44 -9.24
C PRO C 102 -4.68 12.50 -10.33
N TYR C 103 -3.43 12.87 -10.59
CA TYR C 103 -3.10 13.89 -11.58
C TYR C 103 -3.71 13.67 -12.97
N LEU C 104 -3.84 12.42 -13.38
CA LEU C 104 -4.40 12.12 -14.69
C LEU C 104 -5.89 11.88 -14.65
N GLU C 105 -6.46 11.76 -13.45
CA GLU C 105 -7.88 11.45 -13.33
C GLU C 105 -8.79 12.26 -12.42
N THR C 106 -8.23 13.01 -11.48
CA THR C 106 -9.11 13.75 -10.61
C THR C 106 -9.89 14.72 -11.49
N ASN C 107 -11.18 14.85 -11.25
CA ASN C 107 -12.01 15.76 -12.04
C ASN C 107 -11.74 17.19 -11.59
N LEU C 108 -11.68 18.08 -12.57
CA LEU C 108 -11.48 19.50 -12.33
C LEU C 108 -12.84 20.05 -11.89
N GLY C 109 -12.88 20.79 -10.79
CA GLY C 109 -14.17 21.32 -10.36
C GLY C 109 -14.78 22.36 -11.30
N GLN C 110 -16.00 22.80 -11.01
CA GLN C 110 -16.65 23.80 -11.84
C GLN C 110 -15.89 25.10 -11.60
N PRO C 111 -15.39 25.72 -12.67
CA PRO C 111 -14.66 26.97 -12.46
C PRO C 111 -15.61 28.10 -12.14
N THR C 112 -15.04 29.25 -11.78
CA THR C 112 -15.79 30.45 -11.42
C THR C 112 -15.15 31.65 -12.12
N ILE C 113 -15.94 32.57 -12.64
CA ILE C 113 -15.33 33.76 -13.25
C ILE C 113 -15.18 34.75 -12.09
N GLN C 114 -13.94 35.12 -11.80
CA GLN C 114 -13.62 36.03 -10.70
C GLN C 114 -13.87 37.52 -10.97
N SER C 115 -13.75 37.92 -12.23
CA SER C 115 -13.96 39.30 -12.61
C SER C 115 -13.70 39.53 -14.09
N PHE C 116 -14.14 40.69 -14.55
CA PHE C 116 -13.94 41.09 -15.93
C PHE C 116 -13.93 42.60 -16.03
N GLU C 117 -12.77 43.18 -16.28
CA GLU C 117 -12.65 44.62 -16.41
C GLU C 117 -12.57 45.01 -17.87
N GLN C 118 -13.18 46.13 -18.23
CA GLN C 118 -13.14 46.61 -19.60
C GLN C 118 -12.20 47.80 -19.66
N VAL C 119 -11.47 47.90 -20.77
CA VAL C 119 -10.54 49.00 -20.99
C VAL C 119 -10.69 49.41 -22.46
N GLY C 120 -11.71 50.21 -22.73
CA GLY C 120 -11.90 50.63 -24.10
C GLY C 120 -12.40 49.52 -24.99
N THR C 121 -11.59 49.11 -25.95
CA THR C 121 -11.97 48.05 -26.89
C THR C 121 -11.62 46.64 -26.41
N LYS C 122 -11.04 46.53 -25.22
CA LYS C 122 -10.68 45.21 -24.71
C LYS C 122 -11.33 44.94 -23.35
N VAL C 123 -11.38 43.67 -23.00
CA VAL C 123 -11.97 43.23 -21.74
C VAL C 123 -11.15 42.09 -21.16
N ASN C 124 -10.79 42.22 -19.91
CA ASN C 124 -10.00 41.20 -19.26
C ASN C 124 -10.95 40.29 -18.50
N VAL C 125 -10.92 38.98 -18.77
CA VAL C 125 -11.78 38.07 -18.03
C VAL C 125 -10.86 37.22 -17.17
N THR C 126 -11.04 37.28 -15.86
CA THR C 126 -10.20 36.52 -14.96
C THR C 126 -10.89 35.31 -14.34
N VAL C 127 -10.21 34.18 -14.39
CA VAL C 127 -10.70 32.93 -13.82
C VAL C 127 -10.03 32.79 -12.45
N GLU C 128 -10.83 32.38 -11.47
CA GLU C 128 -10.36 32.22 -10.10
C GLU C 128 -9.43 31.03 -9.94
N ASP C 129 -8.28 31.24 -9.31
CA ASP C 129 -7.35 30.13 -9.13
C ASP C 129 -7.84 29.25 -7.96
N GLU C 130 -8.81 28.40 -8.26
CA GLU C 130 -9.44 27.51 -7.29
C GLU C 130 -8.45 26.63 -6.50
N ARG C 131 -8.78 26.40 -5.23
CA ARG C 131 -7.97 25.57 -4.34
C ARG C 131 -8.29 24.07 -4.50
N THR C 132 -7.27 23.25 -4.24
CA THR C 132 -7.39 21.80 -4.34
C THR C 132 -7.12 21.21 -2.97
N LEU C 133 -7.31 19.91 -2.80
CA LEU C 133 -7.04 19.29 -1.51
C LEU C 133 -5.57 19.02 -1.27
N VAL C 134 -4.73 19.35 -2.26
CA VAL C 134 -3.29 19.12 -2.13
C VAL C 134 -2.66 20.13 -1.20
N ARG C 135 -2.12 19.64 -0.10
CA ARG C 135 -1.48 20.49 0.89
C ARG C 135 0.03 20.56 0.72
N ARG C 136 0.56 21.76 0.96
CA ARG C 136 2.00 22.00 0.90
C ARG C 136 2.24 23.03 1.98
N ASN C 137 2.92 22.61 3.04
CA ASN C 137 3.18 23.46 4.19
C ASN C 137 1.81 23.70 4.83
N ASN C 138 1.62 24.84 5.45
CA ASN C 138 0.34 25.13 6.11
C ASN C 138 -0.71 25.62 5.11
N THR C 139 -0.63 25.18 3.86
CA THR C 139 -1.60 25.66 2.88
C THR C 139 -2.12 24.66 1.83
N PHE C 140 -3.14 25.09 1.10
CA PHE C 140 -3.75 24.30 0.03
C PHE C 140 -3.29 24.88 -1.30
N LEU C 141 -2.71 24.04 -2.14
CA LEU C 141 -2.23 24.45 -3.45
C LEU C 141 -3.39 24.69 -4.41
N SER C 142 -3.23 25.65 -5.29
CA SER C 142 -4.26 25.96 -6.26
C SER C 142 -4.19 24.99 -7.43
N LEU C 143 -5.16 25.07 -8.33
CA LEU C 143 -5.19 24.20 -9.50
C LEU C 143 -3.98 24.53 -10.39
N ARG C 144 -3.58 25.80 -10.37
CA ARG C 144 -2.42 26.27 -11.15
C ARG C 144 -1.16 25.68 -10.53
N ASP C 145 -0.99 25.89 -9.22
CA ASP C 145 0.15 25.35 -8.47
C ASP C 145 0.45 23.88 -8.79
N VAL C 146 -0.60 23.07 -8.93
CA VAL C 146 -0.48 21.64 -9.19
C VAL C 146 -0.20 21.19 -10.64
N PHE C 147 -0.87 21.81 -11.61
CA PHE C 147 -0.69 21.44 -13.02
C PHE C 147 0.20 22.36 -13.86
N GLY C 148 0.46 23.55 -13.38
CA GLY C 148 1.26 24.47 -14.17
C GLY C 148 0.84 24.49 -15.64
N LYS C 149 1.83 24.50 -16.54
CA LYS C 149 1.58 24.51 -17.98
C LYS C 149 0.59 23.46 -18.45
N ASP C 150 0.33 22.44 -17.65
CA ASP C 150 -0.61 21.40 -18.10
C ASP C 150 -2.07 21.84 -18.16
N LEU C 151 -2.38 22.95 -17.50
CA LEU C 151 -3.75 23.44 -17.43
C LEU C 151 -4.03 24.72 -18.20
N ILE C 152 -5.11 24.70 -18.97
CA ILE C 152 -5.50 25.92 -19.68
C ILE C 152 -6.98 26.18 -19.37
N TYR C 153 -7.46 27.36 -19.72
CA TYR C 153 -8.87 27.69 -19.51
C TYR C 153 -9.46 28.12 -20.84
N THR C 154 -10.69 27.71 -21.08
CA THR C 154 -11.36 28.04 -22.30
C THR C 154 -12.49 29.01 -22.04
N LEU C 155 -12.67 29.96 -22.94
CA LEU C 155 -13.74 30.94 -22.75
C LEU C 155 -14.74 30.84 -23.89
N TYR C 156 -16.01 30.91 -23.53
CA TYR C 156 -17.10 30.87 -24.48
C TYR C 156 -17.89 32.12 -24.18
N TYR C 157 -17.85 33.10 -25.08
CA TYR C 157 -18.57 34.34 -24.87
C TYR C 157 -19.42 34.71 -26.08
N TRP C 158 -20.45 35.52 -25.86
CA TRP C 158 -21.34 35.95 -26.94
C TRP C 158 -21.85 37.36 -26.62
N LYS C 159 -22.63 37.94 -27.52
CA LYS C 159 -23.20 39.29 -27.30
C LYS C 159 -24.67 39.25 -26.86
N SER C 162 -26.17 39.91 -31.70
CA SER C 162 -25.44 38.87 -32.42
C SER C 162 -25.93 37.48 -32.02
N SER C 163 -25.78 36.51 -32.92
CA SER C 163 -26.24 35.14 -32.68
C SER C 163 -25.15 34.10 -32.54
N GLY C 164 -23.91 34.46 -32.86
CA GLY C 164 -22.84 33.47 -32.77
C GLY C 164 -22.03 33.44 -31.48
N LYS C 165 -21.22 32.39 -31.35
CA LYS C 165 -20.37 32.23 -30.18
C LYS C 165 -18.93 32.46 -30.54
N LYS C 166 -18.12 32.69 -29.53
CA LYS C 166 -16.71 32.90 -29.76
C LYS C 166 -15.96 32.16 -28.66
N THR C 167 -14.69 31.89 -28.90
CA THR C 167 -13.87 31.23 -27.92
C THR C 167 -12.47 31.78 -27.93
N ALA C 168 -11.83 31.68 -26.78
CA ALA C 168 -10.47 32.12 -26.62
C ALA C 168 -9.92 31.11 -25.63
N LYS C 169 -8.61 30.85 -25.65
CA LYS C 169 -8.01 29.92 -24.69
C LYS C 169 -6.89 30.65 -24.01
N THR C 170 -6.46 30.20 -22.84
CA THR C 170 -5.36 30.86 -22.16
C THR C 170 -4.52 29.92 -21.29
N ASN C 171 -3.22 30.20 -21.19
CA ASN C 171 -2.28 29.39 -20.40
C ASN C 171 -2.19 29.90 -18.95
N THR C 172 -2.84 31.02 -18.68
CA THR C 172 -2.84 31.61 -17.35
C THR C 172 -4.28 31.51 -16.85
N ASN C 173 -4.70 32.44 -16.00
CA ASN C 173 -6.06 32.44 -15.49
C ASN C 173 -6.79 33.69 -16.00
N GLU C 174 -6.27 34.28 -17.07
CA GLU C 174 -6.86 35.50 -17.61
C GLU C 174 -7.03 35.51 -19.11
N PHE C 175 -8.11 36.14 -19.54
CA PHE C 175 -8.40 36.30 -20.95
C PHE C 175 -8.38 37.78 -21.28
N LEU C 176 -7.91 38.11 -22.49
CA LEU C 176 -7.89 39.49 -22.98
C LEU C 176 -8.56 39.45 -24.33
N ILE C 177 -9.81 39.90 -24.41
CA ILE C 177 -10.47 39.86 -25.69
C ILE C 177 -11.00 41.19 -26.21
N ASP C 178 -11.30 41.22 -27.49
CA ASP C 178 -11.81 42.43 -28.12
C ASP C 178 -13.32 42.49 -28.01
N VAL C 179 -13.87 43.67 -27.75
CA VAL C 179 -15.32 43.81 -27.63
C VAL C 179 -15.87 44.97 -28.43
N ASP C 180 -16.92 44.72 -29.20
CA ASP C 180 -17.56 45.77 -29.97
C ASP C 180 -18.23 46.71 -28.98
N LYS C 181 -17.73 47.95 -28.92
CA LYS C 181 -18.26 48.96 -28.01
C LYS C 181 -19.78 49.03 -27.98
N GLY C 182 -20.32 49.40 -26.81
CA GLY C 182 -21.77 49.50 -26.68
C GLY C 182 -22.51 48.24 -26.32
N GLU C 183 -22.42 47.23 -27.20
CA GLU C 183 -23.09 45.94 -27.02
C GLU C 183 -22.66 45.14 -25.78
N ASN C 184 -23.64 44.42 -25.21
CA ASN C 184 -23.48 43.60 -24.02
C ASN C 184 -22.92 42.18 -24.27
N TYR C 185 -21.98 41.75 -23.42
CA TYR C 185 -21.35 40.43 -23.55
C TYR C 185 -21.57 39.46 -22.38
N CYS C 186 -21.69 38.18 -22.69
CA CYS C 186 -21.82 37.16 -21.65
C CYS C 186 -20.68 36.15 -21.79
N PHE C 187 -20.16 35.71 -20.65
CA PHE C 187 -19.03 34.80 -20.59
C PHE C 187 -19.24 33.51 -19.77
N SER C 188 -18.49 32.48 -20.15
CA SER C 188 -18.50 31.18 -19.48
C SER C 188 -17.12 30.57 -19.67
N VAL C 189 -16.57 29.94 -18.64
CA VAL C 189 -15.26 29.31 -18.78
C VAL C 189 -15.21 27.86 -18.38
N GLN C 190 -14.21 27.18 -18.94
CA GLN C 190 -14.03 25.77 -18.68
C GLN C 190 -12.56 25.53 -18.34
N ALA C 191 -12.28 24.74 -17.32
CA ALA C 191 -10.89 24.42 -16.95
C ALA C 191 -10.59 23.21 -17.83
N VAL C 192 -9.43 23.18 -18.45
CA VAL C 192 -9.08 22.06 -19.34
C VAL C 192 -7.66 21.59 -19.18
N ILE C 193 -7.44 20.30 -19.32
CA ILE C 193 -6.08 19.78 -19.25
C ILE C 193 -6.00 18.94 -20.51
N PRO C 194 -5.60 19.60 -21.60
CA PRO C 194 -5.44 19.10 -22.96
C PRO C 194 -4.68 17.80 -23.17
N SER C 195 -3.56 17.61 -22.48
CA SER C 195 -2.82 16.37 -22.66
C SER C 195 -3.69 15.17 -22.30
N ARG C 196 -4.64 15.38 -21.40
CA ARG C 196 -5.51 14.31 -20.95
C ARG C 196 -6.27 13.57 -22.00
N THR C 197 -6.50 12.30 -21.66
CA THR C 197 -7.21 11.35 -22.48
C THR C 197 -8.68 11.42 -22.03
N VAL C 198 -8.91 11.10 -20.75
CA VAL C 198 -10.27 11.13 -20.16
C VAL C 198 -10.38 12.18 -19.06
N ASN C 199 -11.60 12.68 -18.84
CA ASN C 199 -11.88 13.73 -17.85
C ASN C 199 -10.99 14.92 -18.13
N ARG C 200 -10.90 15.30 -19.40
CA ARG C 200 -10.01 16.39 -19.73
C ARG C 200 -10.58 17.79 -19.57
N LYS C 201 -11.89 17.90 -19.41
CA LYS C 201 -12.46 19.21 -19.23
C LYS C 201 -13.39 19.26 -18.01
N SER C 202 -13.39 20.39 -17.33
CA SER C 202 -14.27 20.58 -16.20
C SER C 202 -15.62 20.94 -16.79
N THR C 203 -16.59 21.12 -15.93
CA THR C 203 -17.91 21.49 -16.38
C THR C 203 -17.88 23.01 -16.66
N ASP C 204 -18.89 23.56 -17.33
CA ASP C 204 -18.93 24.99 -17.61
C ASP C 204 -19.19 25.82 -16.36
N SER C 205 -18.54 26.96 -16.24
CA SER C 205 -18.75 27.81 -15.07
C SER C 205 -20.13 28.51 -15.17
N PRO C 206 -20.55 29.19 -14.08
CA PRO C 206 -21.83 29.90 -14.12
C PRO C 206 -21.66 31.00 -15.16
N VAL C 207 -22.73 31.38 -15.82
CA VAL C 207 -22.64 32.44 -16.81
C VAL C 207 -22.51 33.80 -16.13
N GLU C 208 -21.78 34.70 -16.77
CA GLU C 208 -21.58 36.06 -16.28
C GLU C 208 -21.66 37.05 -17.44
N CYS C 209 -22.42 38.12 -17.27
CA CYS C 209 -22.54 39.12 -18.32
C CYS C 209 -22.16 40.53 -17.85
N MET C 210 -21.89 41.43 -18.79
CA MET C 210 -21.53 42.79 -18.44
C MET C 210 -22.77 43.56 -18.02
#